data_3ES6
#
_entry.id   3ES6
#
_cell.length_a   132.298
_cell.length_b   132.298
_cell.length_c   73.752
_cell.angle_alpha   90.00
_cell.angle_beta   90.00
_cell.angle_gamma   90.00
#
_symmetry.space_group_name_H-M   'P 4 21 2'
#
loop_
_entity.id
_entity.type
_entity.pdbx_description
1 polymer Zinc-alpha-2-glycoprotein
2 polymer 'Prolactin-inducible protein'
3 branched 2-acetamido-2-deoxy-alpha-D-glucopyranose-(1-2)-alpha-D-mannopyranose-(1-3)-beta-D-mannopyranose-(1-4)-2-acetamido-2-deoxy-beta-D-glucopyranose-(1-4)-2-acetamido-2-deoxy-beta-D-glucopyranose
4 branched alpha-D-mannopyranose-(1-3)-beta-D-mannopyranose-(1-4)-2-acetamido-2-deoxy-beta-D-glucopyranose-(1-4)-2-acetamido-2-deoxy-beta-D-glucopyranose
5 non-polymer 'CARBONATE ION'
6 non-polymer 'HEXAETHYLENE GLYCOL'
#
loop_
_entity_poly.entity_id
_entity_poly.type
_entity_poly.pdbx_seq_one_letter_code
_entity_poly.pdbx_strand_id
1 'polypeptide(L)'
;(PCA)ENQDGRYSLTYIYTGLSKHVEDVPAFQALGSLNDLQFFRYNSKDRKSQPMGLWRQVEGMEDWKQDSQLQKAREDI
FMETLKDIVEYYNDSNGSHVLQGRFGCEIENNRSSGAFWKYYYDGKDYIEFNKEIPAWVPFDPAAQITKQKWEAEPVYVQ
RAKAYLEEECPATLRKYLKYSKNILDRQDPPSVVVTSHQAPGEKKKLKCLAYDFYPGKIDVHWTRAGEVQEPELRGDVLH
NGNGTYQSWVVVAVPPQDTAPYSCHVQHSSLAQPLVVPWEAS
;
A
2 'polypeptide(L)'
;QDNTRKIIIKNFDIPKSVRPNDEVTAVLAVQTELKECMVVKTYLISSIPLQGAFNYKYTACLCDDNPKTFYWDFYTNRTV
QIAAVVDVIRELGICPDDAAVIPIKNNRFYTIEILKVE
;
B
#
# COMPACT_ATOMS: atom_id res chain seq x y z
N GLU A 2 -21.50 -2.70 -25.05
CA GLU A 2 -20.74 -3.99 -24.82
C GLU A 2 -20.77 -4.51 -23.36
N ASN A 3 -19.69 -4.58 -22.38
CA ASN A 3 -19.47 -5.49 -21.25
C ASN A 3 -20.34 -5.24 -20.00
N GLN A 4 -20.57 -6.30 -19.24
CA GLN A 4 -21.34 -6.30 -18.00
C GLN A 4 -20.59 -5.62 -16.84
N ASP A 5 -19.76 -6.42 -16.15
CA ASP A 5 -18.89 -6.00 -15.03
C ASP A 5 -19.46 -5.14 -13.91
N GLY A 6 -19.59 -5.77 -12.73
CA GLY A 6 -19.83 -5.05 -11.49
C GLY A 6 -19.22 -5.85 -10.37
N ARG A 7 -17.89 -5.76 -10.23
CA ARG A 7 -17.21 -6.47 -9.15
C ARG A 7 -16.67 -5.57 -8.04
N TYR A 8 -17.03 -5.93 -6.81
CA TYR A 8 -16.71 -5.15 -5.62
C TYR A 8 -16.06 -6.03 -4.58
N SER A 9 -15.19 -5.44 -3.77
CA SER A 9 -14.32 -6.18 -2.88
C SER A 9 -14.34 -5.61 -1.45
N LEU A 10 -14.42 -6.50 -0.46
CA LEU A 10 -14.34 -6.10 0.95
C LEU A 10 -13.18 -6.82 1.64
N THR A 11 -12.22 -6.04 2.14
CA THR A 11 -10.98 -6.58 2.69
C THR A 11 -10.64 -5.96 4.04
N TYR A 12 -10.15 -6.80 4.95
CA TYR A 12 -9.66 -6.33 6.24
C TYR A 12 -8.19 -6.71 6.39
N ILE A 13 -7.38 -5.75 6.86
CA ILE A 13 -6.00 -6.05 7.24
C ILE A 13 -5.87 -5.80 8.74
N TYR A 14 -5.44 -6.85 9.45
CA TYR A 14 -5.21 -6.81 10.89
C TYR A 14 -3.73 -6.91 11.17
N THR A 15 -3.21 -6.05 12.02
CA THR A 15 -1.78 -6.06 12.35
C THR A 15 -1.55 -6.02 13.86
N GLY A 16 -0.74 -6.94 14.35
CA GLY A 16 -0.31 -6.97 15.74
C GLY A 16 1.19 -6.91 15.88
N LEU A 17 1.67 -6.39 17.01
CA LEU A 17 3.10 -6.32 17.30
C LEU A 17 3.36 -6.78 18.73
N SER A 18 4.30 -7.72 18.87
CA SER A 18 4.70 -8.20 20.20
C SER A 18 5.35 -7.07 21.00
N LYS A 19 6.42 -6.49 20.48
CA LYS A 19 7.08 -5.36 21.13
C LYS A 19 6.66 -4.03 20.52
N HIS A 20 5.96 -3.22 21.32
CA HIS A 20 5.56 -1.88 20.90
C HIS A 20 5.93 -0.86 21.95
N VAL A 21 6.15 0.38 21.51
CA VAL A 21 6.42 1.49 22.42
C VAL A 21 5.11 2.14 22.86
N GLU A 22 5.20 3.01 23.88
CA GLU A 22 4.05 3.67 24.49
C GLU A 22 3.07 4.27 23.47
N ASP A 23 3.59 5.10 22.58
CA ASP A 23 2.75 5.83 21.62
C ASP A 23 2.23 4.94 20.49
N VAL A 24 2.98 3.89 20.17
CA VAL A 24 2.64 2.99 19.07
C VAL A 24 1.66 1.91 19.52
N PRO A 25 0.45 1.87 18.92
CA PRO A 25 -0.59 0.89 19.23
C PRO A 25 -0.14 -0.54 18.97
N ALA A 26 -0.48 -1.44 19.89
CA ALA A 26 -0.07 -2.85 19.78
C ALA A 26 -0.85 -3.59 18.70
N PHE A 27 -2.14 -3.29 18.60
CA PHE A 27 -3.03 -3.92 17.62
C PHE A 27 -3.69 -2.87 16.74
N GLN A 28 -3.89 -3.22 15.47
CA GLN A 28 -4.52 -2.32 14.51
C GLN A 28 -5.29 -3.09 13.45
N ALA A 29 -6.37 -2.48 12.97
CA ALA A 29 -7.21 -3.08 11.96
C ALA A 29 -7.79 -2.00 11.07
N LEU A 30 -7.82 -2.27 9.77
CA LEU A 30 -8.49 -1.41 8.82
C LEU A 30 -9.18 -2.19 7.71
N GLY A 31 -10.25 -1.62 7.17
CA GLY A 31 -11.06 -2.26 6.16
C GLY A 31 -11.17 -1.39 4.94
N SER A 32 -11.12 -2.03 3.77
CA SER A 32 -11.21 -1.32 2.50
C SER A 32 -12.39 -1.83 1.70
N LEU A 33 -13.05 -0.91 1.01
CA LEU A 33 -14.02 -1.26 -0.02
C LEU A 33 -13.37 -0.93 -1.34
N ASN A 34 -13.07 -1.97 -2.12
CA ASN A 34 -12.20 -1.87 -3.28
C ASN A 34 -10.84 -1.28 -2.89
N ASP A 35 -10.42 -0.22 -3.58
CA ASP A 35 -9.11 0.40 -3.30
C ASP A 35 -9.17 1.47 -2.19
N LEU A 36 -10.36 1.74 -1.67
CA LEU A 36 -10.56 2.82 -0.69
C LEU A 36 -10.84 2.29 0.71
N GLN A 37 -10.20 2.90 1.70
CA GLN A 37 -10.37 2.48 3.10
C GLN A 37 -11.50 3.24 3.79
N PHE A 38 -12.41 2.50 4.41
CA PHE A 38 -13.61 3.10 5.00
C PHE A 38 -13.60 3.20 6.53
N PHE A 39 -12.72 2.47 7.19
CA PHE A 39 -12.64 2.48 8.66
C PHE A 39 -11.29 1.98 9.19
N ARG A 40 -10.91 2.48 10.36
CA ARG A 40 -9.77 1.97 11.10
C ARG A 40 -10.14 1.77 12.57
N TYR A 41 -9.34 0.96 13.26
CA TYR A 41 -9.50 0.72 14.69
C TYR A 41 -8.16 0.29 15.25
N ASN A 42 -7.77 0.85 16.38
CA ASN A 42 -6.54 0.44 17.05
C ASN A 42 -6.75 0.15 18.54
N SER A 43 -5.76 -0.50 19.15
CA SER A 43 -5.86 -0.92 20.55
C SER A 43 -5.65 0.23 21.55
N LYS A 44 -4.98 1.29 21.12
CA LYS A 44 -4.80 2.47 21.94
C LYS A 44 -6.15 3.20 22.08
N ASP A 45 -6.54 3.91 21.04
CA ASP A 45 -7.84 4.61 20.99
C ASP A 45 -9.03 3.71 21.35
N ARG A 46 -8.97 2.45 20.92
CA ARG A 46 -9.97 1.43 21.24
C ARG A 46 -11.37 1.76 20.70
N LYS A 47 -11.40 2.54 19.62
CA LYS A 47 -12.65 3.03 19.05
C LYS A 47 -12.66 2.83 17.53
N SER A 48 -13.75 2.28 17.01
CA SER A 48 -13.93 2.14 15.56
C SER A 48 -14.38 3.46 14.94
N GLN A 49 -13.54 4.03 14.08
CA GLN A 49 -13.87 5.27 13.40
C GLN A 49 -13.91 5.09 11.88
N PRO A 50 -14.91 5.68 11.22
CA PRO A 50 -14.92 5.68 9.76
C PRO A 50 -13.80 6.56 9.20
N MET A 51 -13.38 6.30 7.97
CA MET A 51 -12.34 7.09 7.33
C MET A 51 -12.78 7.61 5.98
N GLY A 52 -12.09 8.64 5.50
CA GLY A 52 -12.26 9.15 4.14
C GLY A 52 -13.68 9.61 3.82
N LEU A 53 -14.11 9.35 2.59
CA LEU A 53 -15.44 9.74 2.13
C LEU A 53 -16.56 9.23 3.01
N TRP A 54 -16.27 8.21 3.81
CA TRP A 54 -17.27 7.55 4.63
C TRP A 54 -17.55 8.24 5.96
N ARG A 55 -16.93 9.39 6.20
CA ARG A 55 -17.24 10.20 7.36
C ARG A 55 -18.62 10.86 7.26
N GLN A 56 -19.02 11.23 6.03
CA GLN A 56 -20.33 11.85 5.78
C GLN A 56 -21.49 10.87 5.60
N VAL A 57 -21.20 9.57 5.53
CA VAL A 57 -22.24 8.57 5.38
C VAL A 57 -22.78 8.17 6.76
N GLU A 58 -24.06 8.42 7.01
CA GLU A 58 -24.70 8.00 8.26
C GLU A 58 -25.37 6.63 8.13
N GLY A 59 -25.48 5.94 9.26
CA GLY A 59 -26.29 4.72 9.37
C GLY A 59 -25.96 3.61 8.40
N MET A 60 -24.69 3.51 8.01
CA MET A 60 -24.22 2.35 7.27
C MET A 60 -23.80 1.26 8.26
N GLU A 61 -23.19 1.71 9.36
CA GLU A 61 -22.70 0.79 10.37
C GLU A 61 -22.83 1.40 11.74
N ASP A 62 -23.24 0.58 12.71
CA ASP A 62 -23.30 0.97 14.11
C ASP A 62 -21.87 0.89 14.64
N TRP A 63 -21.19 2.05 14.64
CA TRP A 63 -19.78 2.08 14.99
C TRP A 63 -19.49 1.72 16.44
N LYS A 64 -20.39 2.12 17.34
CA LYS A 64 -20.32 1.72 18.75
C LYS A 64 -20.33 0.21 18.90
N GLN A 65 -21.30 -0.43 18.22
CA GLN A 65 -21.41 -1.88 18.21
C GLN A 65 -20.17 -2.54 17.63
N ASP A 66 -19.67 -2.00 16.52
CA ASP A 66 -18.51 -2.56 15.83
C ASP A 66 -17.28 -2.59 16.73
N SER A 67 -17.07 -1.50 17.47
CA SER A 67 -15.98 -1.40 18.45
C SER A 67 -15.93 -2.61 19.38
N GLN A 68 -17.11 -3.04 19.82
CA GLN A 68 -17.28 -4.21 20.67
C GLN A 68 -16.64 -5.45 20.09
N LEU A 69 -17.12 -5.88 18.92
CA LEU A 69 -16.65 -7.13 18.34
C LEU A 69 -15.23 -7.00 17.75
N GLN A 70 -14.82 -5.78 17.42
CA GLN A 70 -13.42 -5.53 17.07
C GLN A 70 -12.52 -5.86 18.26
N LYS A 71 -12.93 -5.38 19.43
CA LYS A 71 -12.23 -5.68 20.68
C LYS A 71 -12.12 -7.20 20.84
N ALA A 72 -13.24 -7.90 20.69
CA ALA A 72 -13.29 -9.36 20.75
C ALA A 72 -12.21 -9.98 19.87
N ARG A 73 -12.13 -9.54 18.62
CA ARG A 73 -11.16 -10.07 17.65
C ARG A 73 -9.73 -9.75 18.07
N GLU A 74 -9.50 -8.54 18.56
CA GLU A 74 -8.20 -8.12 19.06
C GLU A 74 -7.67 -9.12 20.09
N ASP A 75 -8.55 -9.53 21.00
CA ASP A 75 -8.18 -10.50 22.04
C ASP A 75 -7.63 -11.79 21.44
N ILE A 76 -8.41 -12.40 20.56
CA ILE A 76 -8.06 -13.68 19.92
C ILE A 76 -6.81 -13.53 19.04
N PHE A 77 -6.65 -12.35 18.45
CA PHE A 77 -5.53 -12.08 17.56
C PHE A 77 -4.20 -12.07 18.32
N MET A 78 -4.10 -11.19 19.32
CA MET A 78 -2.88 -11.04 20.11
C MET A 78 -2.54 -12.32 20.88
N GLU A 79 -3.56 -12.98 21.41
CA GLU A 79 -3.42 -14.25 22.10
C GLU A 79 -2.70 -15.29 21.22
N THR A 80 -3.02 -15.26 19.92
CA THR A 80 -2.36 -16.10 18.92
C THR A 80 -0.89 -15.70 18.72
N LEU A 81 -0.65 -14.41 18.55
CA LEU A 81 0.70 -13.88 18.37
C LEU A 81 1.59 -14.16 19.59
N LYS A 82 0.99 -14.07 20.77
CA LYS A 82 1.66 -14.46 22.00
C LYS A 82 2.12 -15.91 21.89
N ASP A 83 1.20 -16.79 21.49
CA ASP A 83 1.47 -18.23 21.42
C ASP A 83 2.60 -18.59 20.46
N ILE A 84 2.70 -17.88 19.33
CA ILE A 84 3.79 -18.08 18.37
C ILE A 84 5.12 -17.69 19.02
N VAL A 85 5.13 -16.51 19.63
CA VAL A 85 6.32 -15.93 20.26
C VAL A 85 6.80 -16.79 21.44
N GLU A 86 5.87 -17.18 22.29
CA GLU A 86 6.11 -18.08 23.41
C GLU A 86 6.69 -19.43 22.95
N TYR A 87 6.25 -19.88 21.77
CA TYR A 87 6.69 -21.14 21.20
C TYR A 87 8.12 -21.08 20.68
N TYR A 88 8.49 -19.93 20.12
CA TYR A 88 9.85 -19.74 19.60
C TYR A 88 10.81 -19.17 20.65
N ASN A 89 10.38 -19.18 21.91
CA ASN A 89 11.16 -18.67 23.06
C ASN A 89 11.64 -17.22 22.94
N ASP A 90 11.40 -16.62 21.77
CA ASP A 90 11.79 -15.24 21.50
C ASP A 90 10.78 -14.27 22.12
N SER A 91 10.51 -14.44 23.41
CA SER A 91 9.57 -13.60 24.13
C SER A 91 9.93 -12.12 24.03
N ASN A 92 11.22 -11.83 24.11
CA ASN A 92 11.73 -10.47 23.90
C ASN A 92 12.30 -10.29 22.50
N GLY A 93 11.45 -9.81 21.59
CA GLY A 93 11.81 -9.57 20.20
C GLY A 93 10.64 -8.97 19.44
N SER A 94 10.94 -8.08 18.50
CA SER A 94 9.91 -7.39 17.74
C SER A 94 9.41 -8.26 16.59
N HIS A 95 8.21 -8.81 16.76
CA HIS A 95 7.61 -9.68 15.75
C HIS A 95 6.26 -9.16 15.29
N VAL A 96 5.88 -9.51 14.07
CA VAL A 96 4.63 -9.05 13.45
C VAL A 96 3.71 -10.23 13.12
N LEU A 97 2.44 -10.12 13.52
CA LEU A 97 1.40 -11.00 13.00
C LEU A 97 0.40 -10.17 12.21
N GLN A 98 0.25 -10.50 10.93
CA GLN A 98 -0.70 -9.79 10.09
C GLN A 98 -1.76 -10.74 9.57
N GLY A 99 -3.02 -10.28 9.59
CA GLY A 99 -4.14 -11.08 9.11
C GLY A 99 -4.92 -10.41 7.99
N ARG A 100 -5.09 -11.12 6.90
CA ARG A 100 -5.93 -10.66 5.79
C ARG A 100 -7.15 -11.56 5.68
N PHE A 101 -8.31 -10.90 5.65
CA PHE A 101 -9.60 -11.58 5.63
C PHE A 101 -10.50 -10.76 4.71
N GLY A 102 -11.18 -11.43 3.79
CA GLY A 102 -12.06 -10.72 2.87
C GLY A 102 -12.80 -11.54 1.84
N CYS A 103 -13.90 -10.96 1.35
CA CYS A 103 -14.68 -11.57 0.28
C CYS A 103 -14.92 -10.56 -0.83
N GLU A 104 -15.33 -11.06 -2.00
CA GLU A 104 -15.68 -10.20 -3.13
C GLU A 104 -16.82 -10.74 -3.97
N ILE A 105 -17.59 -9.83 -4.57
CA ILE A 105 -18.70 -10.19 -5.45
C ILE A 105 -18.49 -9.67 -6.86
N GLU A 106 -18.95 -10.44 -7.83
CA GLU A 106 -18.91 -10.07 -9.24
C GLU A 106 -20.32 -10.25 -9.80
N ASN A 107 -20.83 -9.20 -10.45
CA ASN A 107 -22.19 -9.19 -10.98
C ASN A 107 -23.22 -9.71 -9.98
N ASN A 108 -23.13 -9.20 -8.76
CA ASN A 108 -24.10 -9.48 -7.69
C ASN A 108 -23.94 -10.85 -7.04
N ARG A 109 -22.96 -11.62 -7.50
CA ARG A 109 -22.74 -12.98 -7.01
C ARG A 109 -21.38 -13.15 -6.35
N SER A 110 -21.33 -13.92 -5.27
CA SER A 110 -20.06 -14.28 -4.62
C SER A 110 -19.14 -14.92 -5.64
N SER A 111 -17.92 -14.39 -5.74
CA SER A 111 -16.95 -14.84 -6.74
C SER A 111 -15.63 -15.29 -6.14
N GLY A 112 -15.36 -14.88 -4.91
CA GLY A 112 -14.13 -15.27 -4.21
C GLY A 112 -14.09 -14.86 -2.74
N ALA A 113 -13.21 -15.53 -1.98
CA ALA A 113 -13.02 -15.25 -0.56
C ALA A 113 -11.64 -15.72 -0.09
N PHE A 114 -11.11 -15.07 0.94
CA PHE A 114 -9.79 -15.40 1.47
C PHE A 114 -9.66 -15.09 2.97
N TRP A 115 -8.86 -15.90 3.65
CA TRP A 115 -8.60 -15.74 5.08
C TRP A 115 -7.22 -16.31 5.35
N LYS A 116 -6.27 -15.43 5.63
CA LYS A 116 -4.86 -15.82 5.71
C LYS A 116 -4.12 -15.05 6.80
N TYR A 117 -3.18 -15.71 7.46
CA TYR A 117 -2.33 -15.06 8.45
C TYR A 117 -0.84 -15.16 8.09
N TYR A 118 -0.10 -14.11 8.41
CA TYR A 118 1.33 -14.04 8.15
C TYR A 118 2.12 -13.75 9.43
N TYR A 119 3.26 -14.42 9.58
CA TYR A 119 4.15 -14.17 10.71
C TYR A 119 5.53 -13.72 10.25
N ASP A 120 5.93 -12.52 10.67
CA ASP A 120 7.18 -11.90 10.24
C ASP A 120 7.34 -11.96 8.72
N GLY A 121 6.25 -11.74 8.00
CA GLY A 121 6.25 -11.78 6.55
C GLY A 121 5.99 -13.15 5.96
N LYS A 122 6.23 -14.19 6.73
CA LYS A 122 6.11 -15.57 6.23
C LYS A 122 4.69 -16.09 6.36
N ASP A 123 4.32 -17.01 5.48
CA ASP A 123 3.01 -17.66 5.55
C ASP A 123 2.87 -18.42 6.85
N TYR A 124 1.82 -18.14 7.60
CA TYR A 124 1.63 -18.80 8.87
C TYR A 124 0.51 -19.84 8.82
N ILE A 125 -0.71 -19.39 8.55
CA ILE A 125 -1.88 -20.27 8.51
C ILE A 125 -2.91 -19.74 7.49
N GLU A 126 -3.78 -20.62 7.02
CA GLU A 126 -4.71 -20.27 5.94
C GLU A 126 -5.97 -21.12 5.97
N PHE A 127 -7.11 -20.49 5.73
CA PHE A 127 -8.36 -21.23 5.69
C PHE A 127 -8.68 -21.76 4.31
N ASN A 128 -8.80 -23.09 4.22
CA ASN A 128 -9.30 -23.73 3.02
C ASN A 128 -10.77 -24.11 3.24
N LYS A 129 -11.66 -23.30 2.67
CA LYS A 129 -13.10 -23.44 2.90
C LYS A 129 -13.71 -24.63 2.15
N GLU A 130 -12.92 -25.27 1.29
CA GLU A 130 -13.37 -26.45 0.56
C GLU A 130 -13.51 -27.64 1.50
N ILE A 131 -12.52 -27.83 2.37
CA ILE A 131 -12.45 -29.02 3.23
C ILE A 131 -13.65 -29.15 4.20
N PRO A 132 -13.92 -28.14 5.05
CA PRO A 132 -13.09 -26.96 5.36
C PRO A 132 -12.08 -27.28 6.45
N ALA A 133 -10.98 -26.54 6.48
CA ALA A 133 -9.95 -26.73 7.50
C ALA A 133 -8.95 -25.59 7.46
N TRP A 134 -8.14 -25.47 8.50
CA TRP A 134 -7.04 -24.54 8.49
C TRP A 134 -5.80 -25.26 7.99
N VAL A 135 -4.90 -24.51 7.36
CA VAL A 135 -3.74 -25.08 6.68
C VAL A 135 -2.45 -24.42 7.22
N PRO A 136 -1.70 -25.15 8.05
CA PRO A 136 -0.47 -24.63 8.63
C PRO A 136 0.65 -24.57 7.60
N PHE A 137 1.47 -23.54 7.68
CA PHE A 137 2.60 -23.36 6.78
C PHE A 137 3.88 -23.19 7.59
N ASP A 138 3.70 -23.19 8.90
CA ASP A 138 4.77 -22.96 9.84
C ASP A 138 4.62 -23.96 10.99
N PRO A 139 5.74 -24.56 11.45
CA PRO A 139 5.66 -25.54 12.53
C PRO A 139 4.78 -25.07 13.70
N ALA A 140 4.92 -23.80 14.10
CA ALA A 140 4.13 -23.23 15.19
C ALA A 140 2.63 -23.28 14.90
N ALA A 141 2.27 -23.09 13.64
CA ALA A 141 0.87 -23.04 13.19
C ALA A 141 0.10 -24.33 13.45
N GLN A 142 0.80 -25.41 13.81
CA GLN A 142 0.18 -26.67 14.17
C GLN A 142 -0.65 -26.54 15.44
N ILE A 143 -0.18 -25.72 16.38
CA ILE A 143 -0.86 -25.46 17.64
C ILE A 143 -2.15 -24.68 17.43
N THR A 144 -2.06 -23.58 16.69
CA THR A 144 -3.22 -22.76 16.35
C THR A 144 -4.28 -23.60 15.63
N LYS A 145 -3.82 -24.42 14.66
CA LYS A 145 -4.66 -25.36 13.93
C LYS A 145 -5.49 -26.21 14.88
N GLN A 146 -4.90 -26.61 16.00
CA GLN A 146 -5.56 -27.44 16.99
C GLN A 146 -6.54 -26.64 17.86
N LYS A 147 -6.16 -25.42 18.21
CA LYS A 147 -7.00 -24.51 19.00
C LYS A 147 -8.26 -24.10 18.24
N TRP A 148 -8.07 -23.64 17.01
CA TRP A 148 -9.14 -23.09 16.18
C TRP A 148 -10.09 -24.16 15.65
N GLU A 149 -9.66 -25.42 15.74
CA GLU A 149 -10.47 -26.57 15.34
C GLU A 149 -10.85 -27.46 16.53
N ALA A 150 -10.72 -26.91 17.74
CA ALA A 150 -11.04 -27.63 18.98
C ALA A 150 -12.38 -28.37 18.87
N GLU A 151 -13.44 -27.62 18.59
CA GLU A 151 -14.76 -28.18 18.30
C GLU A 151 -14.91 -28.28 16.78
N PRO A 152 -15.50 -29.40 16.30
CA PRO A 152 -15.72 -29.60 14.87
C PRO A 152 -16.61 -28.51 14.25
N VAL A 153 -17.40 -27.85 15.10
CA VAL A 153 -18.31 -26.78 14.68
C VAL A 153 -17.55 -25.55 14.16
N TYR A 154 -16.44 -25.21 14.82
CA TYR A 154 -15.71 -23.99 14.53
C TYR A 154 -15.36 -23.83 13.05
N VAL A 155 -14.93 -24.92 12.44
CA VAL A 155 -14.56 -24.93 11.03
C VAL A 155 -15.76 -24.64 10.13
N GLN A 156 -16.95 -24.98 10.62
CA GLN A 156 -18.17 -24.81 9.86
C GLN A 156 -18.63 -23.37 9.89
N ARG A 157 -18.32 -22.69 10.99
CA ARG A 157 -18.65 -21.28 11.18
C ARG A 157 -17.70 -20.41 10.37
N ALA A 158 -16.42 -20.79 10.36
CA ALA A 158 -15.39 -20.10 9.58
C ALA A 158 -15.76 -20.10 8.10
N LYS A 159 -16.27 -21.23 7.62
CA LYS A 159 -16.78 -21.33 6.25
C LYS A 159 -17.98 -20.40 6.05
N ALA A 160 -18.87 -20.38 7.04
CA ALA A 160 -20.08 -19.56 6.98
C ALA A 160 -19.76 -18.06 7.00
N TYR A 161 -18.77 -17.67 7.79
CA TYR A 161 -18.40 -16.27 7.88
C TYR A 161 -17.91 -15.75 6.54
N LEU A 162 -17.02 -16.51 5.90
CA LEU A 162 -16.50 -16.18 4.58
C LEU A 162 -17.62 -16.22 3.53
N GLU A 163 -18.28 -17.36 3.43
CA GLU A 163 -19.23 -17.61 2.35
C GLU A 163 -20.53 -16.83 2.44
N GLU A 164 -20.90 -16.38 3.65
CA GLU A 164 -22.17 -15.67 3.80
C GLU A 164 -22.17 -14.40 4.63
N GLU A 165 -21.65 -14.47 5.86
CA GLU A 165 -21.60 -13.30 6.73
C GLU A 165 -20.85 -12.12 6.10
N CYS A 166 -19.80 -12.43 5.34
CA CYS A 166 -18.99 -11.42 4.66
C CYS A 166 -19.72 -10.75 3.47
N PRO A 167 -20.19 -11.53 2.47
CA PRO A 167 -20.88 -10.90 1.35
C PRO A 167 -22.15 -10.17 1.76
N ALA A 168 -22.80 -10.65 2.82
CA ALA A 168 -23.97 -9.99 3.37
C ALA A 168 -23.61 -8.59 3.84
N THR A 169 -22.49 -8.48 4.55
CA THR A 169 -21.98 -7.19 5.01
C THR A 169 -21.58 -6.33 3.82
N LEU A 170 -20.96 -6.96 2.81
CA LEU A 170 -20.55 -6.25 1.61
C LEU A 170 -21.73 -5.54 0.97
N ARG A 171 -22.77 -6.31 0.62
CA ARG A 171 -23.97 -5.76 -0.03
C ARG A 171 -24.60 -4.64 0.80
N LYS A 172 -24.69 -4.85 2.11
CA LYS A 172 -25.20 -3.83 3.01
C LYS A 172 -24.43 -2.53 2.85
N TYR A 173 -23.10 -2.62 2.90
CA TYR A 173 -22.25 -1.46 2.70
C TYR A 173 -22.41 -0.87 1.31
N LEU A 174 -22.66 -1.74 0.32
CA LEU A 174 -22.79 -1.34 -1.07
C LEU A 174 -23.99 -0.45 -1.35
N LYS A 175 -25.06 -0.62 -0.57
CA LYS A 175 -26.24 0.24 -0.65
C LYS A 175 -25.86 1.69 -0.41
N TYR A 176 -24.92 1.89 0.51
CA TYR A 176 -24.49 3.22 0.88
C TYR A 176 -23.29 3.71 0.07
N SER A 177 -22.60 2.80 -0.61
CA SER A 177 -21.29 3.11 -1.21
C SER A 177 -21.19 2.90 -2.74
N LYS A 178 -22.19 2.28 -3.35
CA LYS A 178 -22.18 2.05 -4.79
C LYS A 178 -21.86 3.32 -5.56
N ASN A 179 -22.57 4.41 -5.24
CA ASN A 179 -22.36 5.70 -5.88
C ASN A 179 -20.90 6.15 -5.83
N ILE A 180 -20.26 5.96 -4.67
CA ILE A 180 -18.86 6.31 -4.46
C ILE A 180 -17.97 5.45 -5.34
N LEU A 181 -18.05 4.14 -5.17
CA LEU A 181 -17.16 3.20 -5.85
C LEU A 181 -17.30 3.22 -7.38
N ASP A 182 -18.47 3.61 -7.86
CA ASP A 182 -18.75 3.60 -9.30
C ASP A 182 -18.31 4.85 -10.05
N ARG A 183 -17.78 5.83 -9.33
CA ARG A 183 -17.33 7.09 -9.93
C ARG A 183 -16.38 6.89 -11.10
N GLN A 184 -16.48 7.79 -12.07
CA GLN A 184 -15.59 7.83 -13.22
C GLN A 184 -15.16 9.29 -13.42
N ASP A 185 -14.31 9.76 -12.51
CA ASP A 185 -13.81 11.13 -12.57
C ASP A 185 -12.60 11.23 -13.49
N PRO A 186 -12.67 12.13 -14.50
CA PRO A 186 -11.57 12.35 -15.42
C PRO A 186 -10.46 13.19 -14.79
N PRO A 187 -9.21 13.00 -15.25
CA PRO A 187 -8.10 13.76 -14.69
C PRO A 187 -7.89 15.12 -15.36
N SER A 188 -7.62 16.13 -14.56
CA SER A 188 -7.07 17.39 -15.08
C SER A 188 -5.58 17.16 -15.13
N VAL A 189 -4.95 17.56 -16.23
CA VAL A 189 -3.50 17.38 -16.37
C VAL A 189 -2.78 18.72 -16.51
N VAL A 190 -1.57 18.79 -15.96
CA VAL A 190 -0.78 20.01 -15.91
C VAL A 190 0.69 19.69 -16.23
N VAL A 191 1.25 20.41 -17.20
CA VAL A 191 2.66 20.28 -17.56
C VAL A 191 3.50 21.36 -16.87
N THR A 192 4.70 20.98 -16.41
CA THR A 192 5.60 21.91 -15.70
C THR A 192 7.06 21.61 -15.99
N SER A 193 7.78 22.62 -16.46
CA SER A 193 9.23 22.53 -16.65
C SER A 193 9.96 23.12 -15.44
N HIS A 194 11.15 22.60 -15.17
CA HIS A 194 11.97 23.05 -14.05
C HIS A 194 13.45 22.85 -14.38
N GLN A 195 14.27 23.79 -13.94
CA GLN A 195 15.71 23.76 -14.21
C GLN A 195 16.52 23.76 -12.92
N ALA A 196 17.42 22.80 -12.78
CA ALA A 196 18.38 22.78 -11.68
C ALA A 196 19.73 23.28 -12.20
N PRO A 197 20.46 24.09 -11.38
CA PRO A 197 21.64 24.85 -11.82
C PRO A 197 22.65 24.05 -12.65
N GLY A 198 23.13 22.93 -12.09
CA GLY A 198 24.05 22.05 -12.79
C GLY A 198 23.39 20.76 -13.22
N GLU A 199 22.12 20.86 -13.62
CA GLU A 199 21.29 19.70 -13.93
C GLU A 199 20.52 19.93 -15.24
N LYS A 200 20.34 18.86 -16.01
CA LYS A 200 19.49 18.89 -17.21
C LYS A 200 18.09 19.41 -16.86
N LYS A 201 17.39 19.95 -17.85
CA LYS A 201 16.00 20.39 -17.64
C LYS A 201 15.08 19.18 -17.45
N LYS A 202 14.07 19.34 -16.58
CA LYS A 202 13.14 18.26 -16.28
C LYS A 202 11.69 18.67 -16.49
N LEU A 203 10.96 17.85 -17.25
CA LEU A 203 9.55 18.10 -17.56
C LEU A 203 8.67 17.15 -16.76
N LYS A 204 7.80 17.75 -15.94
CA LYS A 204 6.88 17.00 -15.09
C LYS A 204 5.46 17.06 -15.66
N CYS A 205 4.84 15.89 -15.78
CA CYS A 205 3.44 15.81 -16.21
C CYS A 205 2.57 15.24 -15.09
N LEU A 206 1.75 16.11 -14.49
CA LEU A 206 0.90 15.73 -13.37
C LEU A 206 -0.56 15.50 -13.77
N ALA A 207 -1.06 14.32 -13.44
CA ALA A 207 -2.48 14.00 -13.58
C ALA A 207 -3.06 14.01 -12.17
N TYR A 208 -4.24 14.63 -12.01
CA TYR A 208 -4.83 14.77 -10.68
C TYR A 208 -6.35 14.82 -10.68
N ASP A 209 -6.93 14.57 -9.50
CA ASP A 209 -8.39 14.59 -9.27
C ASP A 209 -9.17 13.49 -10.01
N PHE A 210 -8.53 12.35 -10.26
CA PHE A 210 -9.16 11.26 -10.99
C PHE A 210 -9.46 10.03 -10.14
N TYR A 211 -10.38 9.21 -10.63
CA TYR A 211 -10.75 7.93 -10.03
C TYR A 211 -11.51 7.14 -11.09
N PRO A 212 -11.26 5.83 -11.21
CA PRO A 212 -10.37 4.94 -10.44
C PRO A 212 -8.88 5.20 -10.66
N GLY A 213 -8.04 4.37 -10.06
CA GLY A 213 -6.60 4.59 -10.06
C GLY A 213 -5.83 4.17 -11.30
N LYS A 214 -6.37 3.21 -12.04
CA LYS A 214 -5.71 2.67 -13.21
C LYS A 214 -5.57 3.74 -14.28
N ILE A 215 -4.32 4.16 -14.54
CA ILE A 215 -4.06 5.26 -15.47
C ILE A 215 -2.73 5.11 -16.22
N ASP A 216 -2.74 5.41 -17.51
CA ASP A 216 -1.52 5.52 -18.29
C ASP A 216 -1.12 6.98 -18.47
N VAL A 217 0.08 7.32 -17.98
CA VAL A 217 0.68 8.64 -18.17
C VAL A 217 2.11 8.47 -18.63
N HIS A 218 2.39 8.92 -19.85
CA HIS A 218 3.72 8.81 -20.42
C HIS A 218 4.01 9.99 -21.33
N TRP A 219 5.30 10.32 -21.44
CA TRP A 219 5.76 11.36 -22.35
C TRP A 219 6.09 10.75 -23.70
N THR A 220 6.13 11.60 -24.73
CA THR A 220 6.71 11.25 -26.02
C THR A 220 7.71 12.32 -26.46
N ARG A 221 8.85 11.88 -26.99
CA ARG A 221 9.79 12.80 -27.60
C ARG A 221 9.77 12.58 -29.11
N ALA A 222 9.29 13.59 -29.83
CA ALA A 222 9.23 13.55 -31.30
C ALA A 222 8.64 12.24 -31.84
N GLY A 223 7.64 11.70 -31.15
CA GLY A 223 6.94 10.51 -31.62
C GLY A 223 7.11 9.27 -30.76
N GLU A 224 8.33 9.00 -30.32
CA GLU A 224 8.63 7.83 -29.51
C GLU A 224 8.36 8.10 -28.03
N VAL A 225 7.88 7.09 -27.32
CA VAL A 225 7.60 7.20 -25.89
C VAL A 225 8.91 7.15 -25.10
N GLN A 226 9.02 8.02 -24.09
CA GLN A 226 10.19 8.07 -23.24
C GLN A 226 9.95 7.37 -21.91
N GLU A 227 10.93 6.59 -21.46
CA GLU A 227 10.91 6.04 -20.11
C GLU A 227 11.08 7.15 -19.07
N PRO A 228 10.26 7.13 -18.00
CA PRO A 228 10.29 8.19 -17.01
C PRO A 228 11.57 8.14 -16.18
N GLU A 229 12.04 9.30 -15.75
CA GLU A 229 13.16 9.33 -14.82
C GLU A 229 12.66 9.00 -13.42
N LEU A 230 11.39 9.32 -13.18
CA LEU A 230 10.71 9.07 -11.92
C LEU A 230 9.21 9.08 -12.17
N ARG A 231 8.48 8.26 -11.41
CA ARG A 231 7.03 8.23 -11.45
C ARG A 231 6.47 8.20 -10.04
N GLY A 232 5.47 9.04 -9.77
CA GLY A 232 4.83 9.08 -8.47
C GLY A 232 3.33 8.84 -8.55
N ASP A 233 2.80 8.10 -7.58
CA ASP A 233 1.35 7.83 -7.48
C ASP A 233 0.87 8.06 -6.05
N VAL A 234 -0.36 8.58 -5.90
CA VAL A 234 -0.97 8.82 -4.58
C VAL A 234 -2.46 8.54 -4.57
N LEU A 235 -2.93 7.99 -3.46
CA LEU A 235 -4.35 7.93 -3.16
C LEU A 235 -4.67 8.89 -2.02
N HIS A 236 -5.44 9.93 -2.32
CA HIS A 236 -5.96 10.82 -1.29
C HIS A 236 -7.27 10.23 -0.77
N ASN A 237 -7.19 9.60 0.39
CA ASN A 237 -8.30 8.81 0.92
C ASN A 237 -9.50 9.65 1.40
N GLY A 238 -9.23 10.77 2.05
CA GLY A 238 -10.30 11.67 2.51
C GLY A 238 -11.06 12.22 1.32
N ASN A 239 -10.28 12.61 0.31
CA ASN A 239 -10.79 13.16 -0.94
C ASN A 239 -11.45 12.06 -1.79
N GLY A 240 -10.91 10.85 -1.69
CA GLY A 240 -11.34 9.72 -2.52
C GLY A 240 -10.88 9.85 -3.96
N THR A 241 -9.72 10.45 -4.17
CA THR A 241 -9.21 10.71 -5.52
C THR A 241 -7.77 10.27 -5.68
N TYR A 242 -7.29 10.22 -6.92
CA TYR A 242 -5.93 9.81 -7.24
C TYR A 242 -5.12 10.94 -7.88
N GLN A 243 -3.80 10.84 -7.72
CA GLN A 243 -2.87 11.78 -8.33
C GLN A 243 -1.68 10.98 -8.85
N SER A 244 -1.19 11.31 -10.05
CA SER A 244 -0.07 10.58 -10.65
C SER A 244 0.72 11.48 -11.59
N TRP A 245 2.04 11.48 -11.46
CA TRP A 245 2.92 12.32 -12.28
C TRP A 245 4.18 11.61 -12.78
N VAL A 246 4.67 12.07 -13.93
CA VAL A 246 5.82 11.49 -14.61
C VAL A 246 6.83 12.56 -15.03
N VAL A 247 8.09 12.34 -14.69
CA VAL A 247 9.17 13.29 -14.99
C VAL A 247 10.17 12.69 -15.97
N VAL A 248 10.43 13.41 -17.06
CA VAL A 248 11.51 13.06 -17.98
C VAL A 248 12.57 14.16 -18.00
N ALA A 249 13.81 13.76 -18.26
CA ALA A 249 14.92 14.69 -18.32
C ALA A 249 15.26 14.99 -19.78
N VAL A 250 15.15 16.26 -20.14
CA VAL A 250 15.42 16.69 -21.51
C VAL A 250 16.84 17.26 -21.63
N PRO A 251 17.67 16.68 -22.54
CA PRO A 251 19.05 17.10 -22.75
C PRO A 251 19.15 18.57 -23.16
N PRO A 252 20.34 19.19 -22.98
CA PRO A 252 20.48 20.65 -23.15
C PRO A 252 20.20 21.10 -24.59
N GLN A 253 20.71 20.33 -25.55
CA GLN A 253 20.55 20.66 -26.97
C GLN A 253 19.11 20.50 -27.48
N ASP A 254 18.39 19.53 -26.92
CA ASP A 254 17.17 18.96 -27.53
C ASP A 254 16.13 19.99 -27.91
N THR A 255 15.77 19.99 -29.19
CA THR A 255 14.83 20.96 -29.74
C THR A 255 13.53 20.27 -30.18
N ALA A 256 13.53 18.94 -30.18
CA ALA A 256 12.38 18.13 -30.55
C ALA A 256 11.21 18.32 -29.58
N PRO A 257 9.96 18.21 -30.08
CA PRO A 257 8.76 18.39 -29.26
C PRO A 257 8.48 17.26 -28.27
N TYR A 258 8.00 17.64 -27.07
CA TYR A 258 7.59 16.69 -26.05
C TYR A 258 6.12 16.90 -25.71
N SER A 259 5.36 15.81 -25.74
CA SER A 259 3.95 15.87 -25.36
C SER A 259 3.61 14.75 -24.40
N CYS A 260 2.74 15.07 -23.45
CA CYS A 260 2.31 14.11 -22.43
C CYS A 260 0.97 13.49 -22.80
N HIS A 261 0.91 12.16 -22.71
CA HIS A 261 -0.29 11.43 -23.07
C HIS A 261 -0.89 10.79 -21.84
N VAL A 262 -2.16 11.10 -21.58
CA VAL A 262 -2.88 10.52 -20.46
C VAL A 262 -4.00 9.64 -21.00
N GLN A 263 -4.06 8.41 -20.48
CA GLN A 263 -5.11 7.49 -20.87
C GLN A 263 -5.80 6.97 -19.61
N HIS A 264 -7.09 7.26 -19.49
CA HIS A 264 -7.89 6.86 -18.33
C HIS A 264 -9.27 6.42 -18.78
N SER A 265 -9.91 5.58 -17.97
CA SER A 265 -11.21 4.97 -18.31
C SER A 265 -12.35 5.97 -18.50
N SER A 266 -12.30 7.09 -17.77
CA SER A 266 -13.36 8.10 -17.86
C SER A 266 -13.26 8.97 -19.10
N LEU A 267 -12.38 8.61 -20.03
CA LEU A 267 -12.17 9.37 -21.25
C LEU A 267 -12.45 8.54 -22.50
N ALA A 268 -13.17 9.13 -23.43
CA ALA A 268 -13.46 8.49 -24.71
C ALA A 268 -12.17 8.37 -25.53
N GLN A 269 -11.64 9.51 -25.97
CA GLN A 269 -10.34 9.56 -26.65
C GLN A 269 -9.25 10.02 -25.68
N PRO A 270 -8.00 9.52 -25.87
CA PRO A 270 -6.87 9.87 -25.01
C PRO A 270 -6.62 11.37 -24.91
N LEU A 271 -6.10 11.81 -23.77
CA LEU A 271 -5.82 13.22 -23.53
C LEU A 271 -4.35 13.52 -23.81
N VAL A 272 -4.09 14.51 -24.66
CA VAL A 272 -2.72 14.88 -25.03
C VAL A 272 -2.44 16.34 -24.70
N VAL A 273 -1.41 16.56 -23.88
CA VAL A 273 -0.95 17.91 -23.57
C VAL A 273 0.48 18.10 -24.06
N PRO A 274 0.67 18.98 -25.06
CA PRO A 274 2.01 19.31 -25.56
C PRO A 274 2.72 20.31 -24.66
N TRP A 275 4.03 20.18 -24.55
CA TRP A 275 4.82 21.17 -23.81
C TRP A 275 5.10 22.39 -24.68
N GLU A 276 4.33 23.45 -24.44
CA GLU A 276 4.50 24.74 -25.08
C GLU A 276 5.67 25.48 -24.44
N ALA A 277 6.87 25.24 -24.97
CA ALA A 277 8.13 25.66 -24.34
C ALA A 277 8.20 27.14 -23.98
N GLN B 1 41.83 -9.50 -1.28
CA GLN B 1 40.37 -9.37 -1.59
C GLN B 1 39.55 -8.87 -0.40
N ASP B 2 38.30 -8.51 -0.67
CA ASP B 2 37.34 -8.14 0.37
C ASP B 2 35.99 -8.83 0.21
N ASN B 3 35.23 -8.48 -0.84
CA ASN B 3 33.83 -8.91 -0.95
C ASN B 3 33.46 -9.97 -2.01
N THR B 4 33.59 -9.60 -3.30
CA THR B 4 32.94 -10.29 -4.42
C THR B 4 31.49 -10.67 -4.04
N ARG B 5 30.75 -9.65 -3.59
CA ARG B 5 29.45 -9.84 -2.95
C ARG B 5 28.30 -9.21 -3.76
N LYS B 6 28.42 -7.93 -4.08
CA LYS B 6 27.35 -7.13 -4.71
C LYS B 6 26.08 -7.16 -3.86
N ILE B 7 25.92 -6.14 -3.00
CA ILE B 7 24.91 -6.21 -1.94
C ILE B 7 23.45 -5.93 -2.31
N ILE B 8 23.15 -5.80 -3.60
CA ILE B 8 21.80 -5.46 -4.09
C ILE B 8 21.51 -3.95 -3.85
N ILE B 9 20.36 -3.53 -3.06
CA ILE B 9 20.23 -2.50 -2.12
C ILE B 9 20.84 -1.83 -0.87
N LYS B 10 20.90 -0.49 -0.87
CA LYS B 10 21.44 0.31 0.25
C LYS B 10 20.52 1.48 0.66
N ASN B 11 20.53 1.85 1.94
CA ASN B 11 19.51 2.73 2.54
C ASN B 11 20.00 4.01 3.26
N PHE B 12 19.05 4.85 3.70
CA PHE B 12 19.29 6.08 4.49
C PHE B 12 17.96 6.73 4.94
N ASP B 13 17.94 7.41 6.11
CA ASP B 13 16.71 8.14 6.55
C ASP B 13 16.81 9.57 7.18
N ILE B 14 16.15 9.76 8.35
CA ILE B 14 15.57 11.08 8.77
C ILE B 14 15.65 11.50 10.27
N PRO B 15 15.06 12.68 10.62
CA PRO B 15 14.88 13.21 11.99
C PRO B 15 14.42 12.20 13.05
N LYS B 16 14.77 12.47 14.31
CA LYS B 16 14.44 11.58 15.42
C LYS B 16 13.43 12.20 16.38
N SER B 17 13.53 13.51 16.56
CA SER B 17 12.54 14.28 17.32
C SER B 17 12.00 15.41 16.47
N VAL B 18 10.69 15.66 16.56
CA VAL B 18 10.07 16.79 15.87
C VAL B 18 9.25 17.62 16.87
N ARG B 19 8.34 18.45 16.36
CA ARG B 19 7.51 19.33 17.18
C ARG B 19 6.15 19.43 16.48
N PRO B 20 5.04 19.32 17.24
CA PRO B 20 3.71 19.20 16.64
C PRO B 20 3.48 20.20 15.50
N ASN B 21 2.98 19.70 14.38
CA ASN B 21 2.81 20.49 13.14
C ASN B 21 4.07 21.19 12.63
N ASP B 22 5.07 20.38 12.26
CA ASP B 22 6.26 20.84 11.56
C ASP B 22 6.47 20.00 10.31
N GLU B 23 6.66 20.65 9.17
CA GLU B 23 6.94 19.95 7.93
C GLU B 23 8.25 19.14 8.05
N VAL B 24 8.10 17.83 8.15
CA VAL B 24 9.21 16.89 8.21
C VAL B 24 9.59 16.48 6.79
N THR B 25 10.87 16.29 6.54
CA THR B 25 11.35 15.85 5.23
C THR B 25 12.09 14.52 5.33
N ALA B 26 11.64 13.56 4.52
CA ALA B 26 12.17 12.20 4.54
C ALA B 26 13.00 11.90 3.30
N VAL B 27 14.30 11.76 3.49
CA VAL B 27 15.20 11.42 2.39
C VAL B 27 15.46 9.91 2.43
N LEU B 28 15.31 9.26 1.29
CA LEU B 28 15.68 7.86 1.16
C LEU B 28 16.63 7.69 -0.02
N ALA B 29 17.90 7.45 0.30
CA ALA B 29 18.92 7.23 -0.71
C ALA B 29 19.03 5.75 -0.97
N VAL B 30 18.84 5.35 -2.22
CA VAL B 30 18.87 3.96 -2.61
C VAL B 30 19.91 3.77 -3.72
N GLN B 31 20.73 2.72 -3.59
CA GLN B 31 21.70 2.37 -4.64
C GLN B 31 22.01 0.86 -4.68
N THR B 32 22.45 0.40 -5.86
CA THR B 32 22.75 -1.02 -6.07
C THR B 32 24.17 -1.27 -6.60
N GLU B 33 24.73 -2.43 -6.24
CA GLU B 33 26.00 -2.88 -6.81
C GLU B 33 25.76 -3.97 -7.86
N LEU B 34 24.58 -3.97 -8.46
CA LEU B 34 24.05 -5.18 -9.09
C LEU B 34 24.39 -5.46 -10.56
N LYS B 35 25.06 -4.54 -11.25
CA LYS B 35 25.49 -4.76 -12.65
C LYS B 35 24.35 -4.96 -13.67
N GLU B 36 23.11 -5.04 -13.18
CA GLU B 36 21.91 -5.05 -14.02
C GLU B 36 20.82 -4.26 -13.32
N CYS B 37 20.26 -3.30 -14.07
CA CYS B 37 19.21 -2.41 -13.60
C CYS B 37 18.01 -3.14 -12.96
N MET B 38 17.35 -2.46 -12.03
CA MET B 38 16.14 -2.97 -11.37
C MET B 38 15.05 -1.93 -11.37
N VAL B 39 13.80 -2.40 -11.40
CA VAL B 39 12.65 -1.51 -11.23
C VAL B 39 12.24 -1.56 -9.76
N VAL B 40 12.33 -0.42 -9.10
CA VAL B 40 12.01 -0.35 -7.67
C VAL B 40 10.78 0.51 -7.40
N LYS B 41 9.86 -0.04 -6.62
CA LYS B 41 8.74 0.72 -6.10
C LYS B 41 9.12 1.05 -4.66
N THR B 42 8.82 2.28 -4.22
CA THR B 42 9.23 2.74 -2.89
C THR B 42 8.18 3.62 -2.19
N TYR B 43 7.92 3.33 -0.93
CA TYR B 43 6.80 3.92 -0.18
C TYR B 43 6.96 3.81 1.35
N LEU B 44 6.07 4.48 2.09
CA LEU B 44 6.15 4.54 3.54
C LEU B 44 4.92 3.96 4.26
N ILE B 45 5.17 3.28 5.39
CA ILE B 45 4.12 2.71 6.22
C ILE B 45 4.19 3.32 7.61
N SER B 46 3.05 3.74 8.15
CA SER B 46 3.03 4.36 9.46
C SER B 46 2.14 3.60 10.45
N SER B 47 2.48 3.75 11.73
CA SER B 47 1.68 3.19 12.83
C SER B 47 0.27 3.75 12.80
N ILE B 48 0.15 5.05 12.52
CA ILE B 48 -1.16 5.70 12.39
C ILE B 48 -1.24 6.42 11.03
N PRO B 49 -2.43 6.47 10.42
CA PRO B 49 -2.60 7.23 9.17
C PRO B 49 -2.10 8.68 9.27
N LEU B 50 -1.37 9.10 8.25
CA LEU B 50 -0.93 10.49 8.10
C LEU B 50 -1.34 10.97 6.72
N GLN B 51 -2.26 11.93 6.66
CA GLN B 51 -2.75 12.47 5.39
C GLN B 51 -1.71 13.30 4.64
N GLY B 52 -2.02 13.62 3.38
CA GLY B 52 -1.14 14.45 2.55
C GLY B 52 -0.06 13.70 1.80
N ALA B 53 1.10 14.33 1.68
CA ALA B 53 2.20 13.86 0.85
C ALA B 53 2.90 12.57 1.33
N PHE B 54 2.61 12.15 2.56
CA PHE B 54 3.24 10.98 3.16
C PHE B 54 3.08 9.71 2.30
N ASN B 55 1.92 9.58 1.68
CA ASN B 55 1.53 8.33 1.01
C ASN B 55 1.95 8.24 -0.46
N TYR B 56 2.99 8.98 -0.84
CA TYR B 56 3.54 8.92 -2.19
C TYR B 56 4.21 7.58 -2.47
N LYS B 57 3.95 7.03 -3.65
CA LYS B 57 4.57 5.79 -4.10
C LYS B 57 5.45 6.15 -5.28
N TYR B 58 6.76 6.20 -5.05
CA TYR B 58 7.70 6.46 -6.14
C TYR B 58 8.17 5.19 -6.79
N THR B 59 8.25 5.22 -8.12
CA THR B 59 8.73 4.08 -8.89
C THR B 59 9.72 4.56 -9.94
N ALA B 60 10.88 3.93 -9.96
CA ALA B 60 11.98 4.37 -10.82
C ALA B 60 12.90 3.22 -11.17
N CYS B 61 13.76 3.44 -12.17
CA CYS B 61 14.74 2.44 -12.59
C CYS B 61 16.07 2.65 -11.86
N LEU B 62 16.31 1.83 -10.85
CA LEU B 62 17.55 1.84 -10.04
C LEU B 62 18.63 1.08 -10.79
N CYS B 63 19.85 1.62 -10.74
CA CYS B 63 20.97 1.06 -11.48
C CYS B 63 22.30 1.38 -10.80
N ASP B 64 23.34 0.60 -11.11
CA ASP B 64 24.64 0.79 -10.48
C ASP B 64 25.32 2.08 -10.95
N ASP B 65 25.01 2.50 -12.17
CA ASP B 65 25.53 3.76 -12.70
C ASP B 65 24.70 4.96 -12.19
N ASN B 66 23.43 4.72 -11.89
CA ASN B 66 22.52 5.79 -11.49
C ASN B 66 21.74 5.51 -10.21
N PRO B 67 22.22 6.05 -9.06
CA PRO B 67 21.52 5.95 -7.78
C PRO B 67 20.25 6.79 -7.78
N LYS B 68 19.43 6.59 -6.76
CA LYS B 68 18.18 7.31 -6.64
C LYS B 68 17.96 7.75 -5.21
N THR B 69 17.52 8.99 -5.03
CA THR B 69 17.06 9.45 -3.74
C THR B 69 15.62 9.93 -3.85
N PHE B 70 14.79 9.56 -2.87
CA PHE B 70 13.38 9.89 -2.88
C PHE B 70 13.05 10.76 -1.68
N TYR B 71 12.14 11.71 -1.86
CA TYR B 71 11.80 12.69 -0.83
C TYR B 71 10.33 12.60 -0.41
N TRP B 72 10.08 12.71 0.89
CA TRP B 72 8.71 12.80 1.40
C TRP B 72 8.62 13.97 2.34
N ASP B 73 7.67 14.87 2.06
CA ASP B 73 7.44 16.05 2.90
C ASP B 73 6.07 15.95 3.58
N PHE B 74 6.06 15.94 4.92
CA PHE B 74 4.80 15.72 5.66
C PHE B 74 4.72 16.32 7.08
N TYR B 75 3.49 16.54 7.54
CA TYR B 75 3.24 17.06 8.89
C TYR B 75 2.53 16.02 9.77
N THR B 76 2.80 16.07 11.07
CA THR B 76 2.19 15.13 12.03
C THR B 76 2.09 15.68 13.45
N ASN B 77 1.03 15.29 14.14
CA ASN B 77 0.81 15.65 15.54
C ASN B 77 1.35 14.60 16.51
N ARG B 78 0.86 13.36 16.38
CA ARG B 78 1.26 12.25 17.25
C ARG B 78 2.58 11.61 16.82
N THR B 79 3.14 10.79 17.71
CA THR B 79 4.37 10.02 17.43
C THR B 79 4.05 8.84 16.53
N VAL B 80 4.86 8.65 15.48
CA VAL B 80 4.65 7.55 14.55
C VAL B 80 5.86 6.62 14.42
N GLN B 81 5.56 5.34 14.17
CA GLN B 81 6.54 4.41 13.64
C GLN B 81 6.44 4.48 12.13
N ILE B 82 7.60 4.63 11.47
CA ILE B 82 7.62 4.66 10.02
C ILE B 82 8.49 3.53 9.46
N ALA B 83 8.07 2.99 8.32
CA ALA B 83 8.86 2.03 7.57
C ALA B 83 9.05 2.55 6.16
N ALA B 84 10.30 2.62 5.72
CA ALA B 84 10.63 2.97 4.35
C ALA B 84 10.86 1.66 3.61
N VAL B 85 9.99 1.38 2.63
CA VAL B 85 9.97 0.09 1.95
C VAL B 85 10.46 0.24 0.52
N VAL B 86 11.32 -0.70 0.11
CA VAL B 86 11.76 -0.79 -1.29
C VAL B 86 11.36 -2.16 -1.82
N ASP B 87 10.62 -2.16 -2.93
CA ASP B 87 10.21 -3.41 -3.58
C ASP B 87 10.80 -3.49 -4.97
N VAL B 88 11.31 -4.66 -5.32
CA VAL B 88 11.77 -4.91 -6.69
C VAL B 88 10.62 -5.57 -7.45
N ILE B 89 10.10 -4.85 -8.45
CA ILE B 89 8.88 -5.24 -9.14
C ILE B 89 9.06 -5.56 -10.63
N ARG B 90 8.04 -6.14 -11.23
CA ARG B 90 8.10 -6.68 -12.59
C ARG B 90 7.55 -5.72 -13.67
N GLU B 91 7.17 -4.51 -13.26
CA GLU B 91 6.56 -3.52 -14.16
C GLU B 91 7.40 -3.15 -15.40
N LEU B 92 6.75 -3.13 -16.57
CA LEU B 92 7.37 -2.71 -17.83
C LEU B 92 7.28 -1.20 -18.08
N GLY B 93 8.19 -0.71 -18.92
CA GLY B 93 8.19 0.67 -19.38
C GLY B 93 8.69 1.68 -18.37
N ILE B 94 9.65 1.27 -17.54
CA ILE B 94 10.29 2.16 -16.56
C ILE B 94 11.82 2.17 -16.76
N CYS B 95 12.39 0.99 -17.00
CA CYS B 95 13.80 0.86 -17.34
C CYS B 95 13.95 0.83 -18.85
N PRO B 96 14.95 1.58 -19.39
CA PRO B 96 15.31 1.53 -20.81
C PRO B 96 15.31 0.11 -21.37
N ASP B 97 14.63 -0.09 -22.50
CA ASP B 97 14.54 -1.39 -23.17
C ASP B 97 13.97 -2.53 -22.33
N ASP B 98 13.35 -2.20 -21.21
CA ASP B 98 12.89 -3.18 -20.22
C ASP B 98 13.96 -4.23 -19.90
N ALA B 99 15.22 -3.76 -19.88
CA ALA B 99 16.35 -4.59 -19.53
C ALA B 99 16.60 -4.47 -18.03
N ALA B 100 15.54 -4.75 -17.27
CA ALA B 100 15.61 -4.79 -15.82
C ALA B 100 15.56 -6.25 -15.35
N VAL B 101 15.73 -6.45 -14.05
CA VAL B 101 15.97 -7.78 -13.51
C VAL B 101 15.44 -7.92 -12.09
N ILE B 102 15.29 -9.15 -11.61
CA ILE B 102 14.81 -9.40 -10.25
C ILE B 102 15.70 -10.42 -9.51
N PRO B 103 16.28 -10.01 -8.36
CA PRO B 103 17.17 -10.89 -7.60
C PRO B 103 16.38 -12.05 -7.02
N ILE B 104 17.02 -13.21 -6.88
CA ILE B 104 16.26 -14.41 -6.49
C ILE B 104 16.08 -14.59 -4.97
N LYS B 105 17.06 -14.18 -4.18
CA LYS B 105 16.96 -14.34 -2.73
C LYS B 105 16.03 -13.32 -2.09
N ASN B 106 15.98 -12.11 -2.64
CA ASN B 106 15.22 -11.02 -2.04
C ASN B 106 14.66 -9.96 -2.98
N ASN B 107 13.56 -9.33 -2.56
CA ASN B 107 12.83 -8.36 -3.37
C ASN B 107 12.18 -7.27 -2.54
N ARG B 108 12.16 -7.47 -1.23
CA ARG B 108 11.49 -6.59 -0.29
C ARG B 108 12.49 -6.19 0.78
N PHE B 109 12.79 -4.89 0.85
CA PHE B 109 13.75 -4.36 1.80
C PHE B 109 13.12 -3.17 2.52
N TYR B 110 13.25 -3.17 3.84
CA TYR B 110 12.65 -2.13 4.67
C TYR B 110 13.67 -1.63 5.70
N THR B 111 13.31 -0.54 6.38
CA THR B 111 14.04 -0.05 7.55
C THR B 111 13.02 0.65 8.44
N ILE B 112 13.04 0.36 9.74
CA ILE B 112 12.03 0.89 10.66
C ILE B 112 12.61 1.94 11.59
N GLU B 113 12.11 3.17 11.47
CA GLU B 113 12.56 4.26 12.32
C GLU B 113 11.35 4.79 13.09
N ILE B 114 11.61 5.37 14.25
CA ILE B 114 10.53 5.92 15.08
C ILE B 114 10.66 7.44 15.30
N LEU B 115 9.56 8.14 15.04
CA LEU B 115 9.53 9.60 15.01
C LEU B 115 8.76 10.17 16.20
N LYS B 116 9.49 10.75 17.16
CA LYS B 116 8.90 11.34 18.37
C LYS B 116 8.50 12.80 18.16
N VAL B 117 7.60 13.29 19.03
CA VAL B 117 7.12 14.66 18.94
C VAL B 117 7.45 15.50 20.17
N GLU B 118 8.40 16.43 19.99
CA GLU B 118 8.94 17.32 21.03
C GLU B 118 9.21 16.62 22.38
#